data_3SI4
#
_entry.id   3SI4
#
_cell.length_a   70.350
_cell.length_b   71.230
_cell.length_c   72.590
_cell.angle_alpha   90.00
_cell.angle_beta   100.36
_cell.angle_gamma   90.00
#
_symmetry.space_group_name_H-M   'C 1 2 1'
#
loop_
_entity.id
_entity.type
_entity.pdbx_description
1 polymer 'Thrombin light chain'
2 polymer 'Thrombin heavy chain'
3 polymer 'Hirudin variant-2'
4 non-polymer 2-acetamido-2-deoxy-beta-D-glucopyranose
5 non-polymer D-phenylalanyl-N-[(1-methylpyridinium-2-yl)methyl]-L-prolinamide
6 non-polymer 'PHOSPHATE ION'
7 non-polymer GLYCEROL
8 non-polymer 'SODIUM ION'
9 water water
#
loop_
_entity_poly.entity_id
_entity_poly.type
_entity_poly.pdbx_seq_one_letter_code
_entity_poly.pdbx_strand_id
1 'polypeptide(L)' TFGSGEADCGLRPLFEKKSLEDKTERELLESYIDGR L
2 'polypeptide(L)'
;IVEGSDAEIGMSPWQVMLFRKSPQELLCGASLISDRWVLTAAHCLLYPPWDKNFTENDLLVRIGKHSRTRYERNIEKISM
LEKIYIHPRYNWRENLDRDIALMKLKKPVAFSDYIHPVCLPDRETAASLLQAGYKGRVTGWGNLKETWTANVGKGQPSVL
QVVNLPIVERPVCKDSTRIRITDNMFCAGYKPDEGKRGDACEGDSGGPFVMKSPFNNRWYQMGIVSWGEGCDRDGKYGFY
THVFRLKKWIQKVIDQFGE
;
H
3 'polypeptide(L)' NGDFEEIPEE(TYS)LQ I
#
loop_
_chem_comp.id
_chem_comp.type
_chem_comp.name
_chem_comp.formula
B04 peptide-like D-phenylalanyl-N-[(1-methylpyridinium-2-yl)methyl]-L-prolinamide 'C21 H27 N4 O2 1'
GOL non-polymer GLYCEROL 'C3 H8 O3'
NA non-polymer 'SODIUM ION' 'Na 1'
NAG D-saccharide, beta linking 2-acetamido-2-deoxy-beta-D-glucopyranose 'C8 H15 N O6'
PO4 non-polymer 'PHOSPHATE ION' 'O4 P -3'
#
# COMPACT_ATOMS: atom_id res chain seq x y z
N GLU A 6 -11.85 4.58 11.98
CA GLU A 6 -13.05 3.83 12.30
C GLU A 6 -12.80 2.90 13.49
N ALA A 7 -13.81 2.78 14.35
CA ALA A 7 -13.70 1.95 15.54
C ALA A 7 -13.36 0.50 15.18
N ASP A 8 -13.72 0.11 13.97
CA ASP A 8 -13.57 -1.27 13.52
C ASP A 8 -12.38 -1.48 12.58
N CYS A 9 -11.54 -0.46 12.45
CA CYS A 9 -10.45 -0.53 11.49
C CYS A 9 -9.53 -1.70 11.79
N GLY A 10 -8.97 -2.28 10.74
CA GLY A 10 -7.92 -3.25 10.88
C GLY A 10 -8.35 -4.63 11.34
N LEU A 11 -9.66 -4.87 11.42
CA LEU A 11 -10.21 -6.17 11.78
C LEU A 11 -10.92 -6.72 10.54
N ARG A 12 -10.35 -7.76 9.95
CA ARG A 12 -10.85 -8.24 8.66
C ARG A 12 -12.09 -9.12 8.83
N PRO A 13 -13.14 -8.85 8.05
CA PRO A 13 -14.36 -9.66 8.14
C PRO A 13 -14.12 -11.17 8.01
N LEU A 14 -13.21 -11.58 7.14
CA LEU A 14 -13.02 -13.01 6.91
C LEU A 14 -11.94 -13.65 7.77
N PHE A 15 -11.33 -12.84 8.63
CA PHE A 15 -10.27 -13.33 9.52
C PHE A 15 -10.52 -12.94 10.97
N GLU A 16 -10.05 -11.78 11.41
CA GLU A 16 -10.20 -11.41 12.81
C GLU A 16 -11.65 -11.44 13.27
N LYS A 17 -12.58 -10.96 12.44
CA LYS A 17 -13.97 -10.91 12.88
CA LYS A 17 -13.99 -10.90 12.85
C LYS A 17 -14.57 -12.28 13.16
N LYS A 18 -14.03 -13.32 12.53
CA LYS A 18 -14.53 -14.68 12.76
C LYS A 18 -13.50 -15.58 13.45
N SER A 19 -12.48 -14.95 14.04
CA SER A 19 -11.38 -15.68 14.70
C SER A 19 -10.75 -16.76 13.81
N LEU A 20 -10.49 -16.39 12.56
CA LEU A 20 -9.70 -17.24 11.65
C LEU A 20 -8.39 -16.54 11.35
N GLU A 21 -7.32 -17.32 11.27
CA GLU A 21 -6.02 -16.74 10.95
C GLU A 21 -5.65 -17.03 9.50
N ASP A 22 -4.95 -16.08 8.87
CA ASP A 22 -4.45 -16.34 7.54
C ASP A 22 -3.18 -17.18 7.59
N LYS A 23 -2.70 -17.62 6.43
CA LYS A 23 -1.66 -18.63 6.39
C LYS A 23 -0.28 -18.16 6.83
N THR A 24 -0.03 -16.85 6.84
CA THR A 24 1.31 -16.38 7.18
C THR A 24 1.38 -15.31 8.28
N GLU A 25 0.26 -14.96 8.89
CA GLU A 25 0.31 -13.92 9.90
C GLU A 25 1.15 -14.34 11.10
N ARG A 26 1.24 -15.64 11.34
CA ARG A 26 2.07 -16.13 12.43
C ARG A 26 3.55 -15.74 12.23
N GLU A 27 4.00 -15.68 10.97
CA GLU A 27 5.37 -15.26 10.68
C GLU A 27 5.61 -13.84 11.20
N LEU A 28 4.61 -12.98 11.07
CA LEU A 28 4.74 -11.62 11.59
C LEU A 28 4.82 -11.66 13.11
N LEU A 29 3.89 -12.36 13.74
CA LEU A 29 3.87 -12.43 15.19
C LEU A 29 5.20 -12.91 15.76
N GLU A 30 5.76 -13.95 15.14
CA GLU A 30 7.03 -14.52 15.62
C GLU A 30 8.19 -13.53 15.55
N SER A 31 8.10 -12.55 14.66
CA SER A 31 9.14 -11.55 14.53
C SER A 31 9.02 -10.43 15.57
N TYR A 32 7.88 -10.36 16.25
CA TYR A 32 7.64 -9.26 17.19
C TYR A 32 8.14 -9.68 18.56
N ILE A 33 9.44 -9.51 18.77
CA ILE A 33 10.10 -10.03 19.96
C ILE A 33 10.24 -8.92 20.99
N ILE B 1 4.83 -7.65 -7.08
CA ILE B 1 5.50 -8.26 -5.94
C ILE B 1 6.38 -9.41 -6.42
N VAL B 2 7.66 -9.38 -6.05
CA VAL B 2 8.60 -10.43 -6.43
C VAL B 2 8.74 -11.42 -5.29
N GLU B 3 8.65 -12.71 -5.63
CA GLU B 3 8.87 -13.79 -4.67
C GLU B 3 7.83 -13.80 -3.55
N GLY B 4 6.62 -13.37 -3.87
CA GLY B 4 5.51 -13.47 -2.94
C GLY B 4 4.62 -14.65 -3.30
N SER B 5 3.39 -14.62 -2.81
CA SER B 5 2.42 -15.67 -3.09
C SER B 5 1.04 -15.06 -3.32
N ASP B 6 0.11 -15.87 -3.81
CA ASP B 6 -1.26 -15.42 -4.00
C ASP B 6 -1.88 -15.07 -2.65
N ALA B 7 -2.54 -13.92 -2.57
CA ALA B 7 -3.31 -13.56 -1.40
C ALA B 7 -4.47 -14.54 -1.20
N GLU B 8 -4.87 -14.73 0.05
CA GLU B 8 -6.13 -15.40 0.34
C GLU B 8 -7.29 -14.44 0.11
N ILE B 9 -8.47 -14.98 -0.14
CA ILE B 9 -9.66 -14.15 -0.27
C ILE B 9 -9.90 -13.34 1.01
N GLY B 10 -10.07 -12.03 0.86
CA GLY B 10 -10.33 -11.15 1.98
C GLY B 10 -9.14 -10.91 2.89
N MET B 11 -7.94 -11.28 2.44
CA MET B 11 -6.74 -11.15 3.26
C MET B 11 -6.30 -9.71 3.47
N SER B 12 -6.59 -8.87 2.49
CA SER B 12 -6.19 -7.46 2.51
CA SER B 12 -6.17 -7.47 2.49
C SER B 12 -7.34 -6.60 2.01
N PRO B 13 -8.40 -6.50 2.83
CA PRO B 13 -9.64 -5.88 2.34
C PRO B 13 -9.56 -4.35 2.22
N TRP B 14 -8.44 -3.79 2.68
CA TRP B 14 -8.14 -2.37 2.47
C TRP B 14 -7.37 -2.11 1.18
N GLN B 15 -7.00 -3.16 0.45
CA GLN B 15 -6.26 -3.00 -0.80
CA GLN B 15 -6.23 -2.95 -0.76
C GLN B 15 -7.07 -2.22 -1.81
N VAL B 16 -6.46 -1.23 -2.45
CA VAL B 16 -7.12 -0.47 -3.50
C VAL B 16 -6.26 -0.49 -4.74
N MET B 17 -6.91 -0.59 -5.89
CA MET B 17 -6.23 -0.49 -7.18
C MET B 17 -6.52 0.88 -7.77
N LEU B 18 -5.49 1.65 -8.07
CA LEU B 18 -5.67 2.88 -8.82
CA LEU B 18 -5.63 2.89 -8.81
C LEU B 18 -5.64 2.52 -10.28
N PHE B 19 -6.70 2.91 -10.99
CA PHE B 19 -6.91 2.44 -12.36
C PHE B 19 -7.05 3.61 -13.32
N ARG B 20 -6.25 3.58 -14.37
CA ARG B 20 -6.29 4.62 -15.39
C ARG B 20 -7.50 4.39 -16.29
N LYS B 21 -8.24 5.46 -16.57
CA LYS B 21 -9.43 5.35 -17.41
C LYS B 21 -9.11 5.08 -18.87
N SER B 22 -8.09 5.77 -19.39
CA SER B 22 -7.76 5.69 -20.81
C SER B 22 -6.28 5.98 -21.03
N PRO B 23 -5.51 4.96 -21.47
CA PRO B 23 -6.03 3.60 -21.66
C PRO B 23 -6.27 2.93 -20.32
N GLN B 24 -7.13 1.91 -20.31
CA GLN B 24 -7.42 1.18 -19.09
C GLN B 24 -6.21 0.34 -18.69
N GLU B 25 -5.60 0.70 -17.55
CA GLU B 25 -4.44 -0.04 -17.07
C GLU B 25 -4.23 0.20 -15.57
N LEU B 26 -3.49 -0.68 -14.93
CA LEU B 26 -3.10 -0.50 -13.53
C LEU B 26 -2.18 0.70 -13.43
N LEU B 27 -2.49 1.61 -12.52
CA LEU B 27 -1.60 2.74 -12.25
C LEU B 27 -0.75 2.56 -11.00
N CYS B 28 -1.34 2.00 -9.95
CA CYS B 28 -0.68 1.94 -8.65
C CYS B 28 -1.56 1.18 -7.70
N GLY B 29 -0.97 0.86 -6.55
CA GLY B 29 -1.73 0.43 -5.39
C GLY B 29 -2.10 1.62 -4.53
N ALA B 30 -2.90 1.34 -3.51
CA ALA B 30 -3.41 2.34 -2.58
C ALA B 30 -4.10 1.57 -1.45
N SER B 31 -4.59 2.28 -0.45
CA SER B 31 -5.27 1.62 0.66
C SER B 31 -6.48 2.41 1.14
N LEU B 32 -7.46 1.69 1.66
CA LEU B 32 -8.68 2.28 2.18
C LEU B 32 -8.52 2.59 3.67
N ILE B 33 -8.66 3.85 4.05
CA ILE B 33 -8.51 4.23 5.45
C ILE B 33 -9.82 4.69 6.11
N SER B 34 -10.87 4.87 5.32
CA SER B 34 -12.21 5.14 5.83
C SER B 34 -13.17 4.94 4.66
N ASP B 35 -14.46 5.21 4.85
CA ASP B 35 -15.39 4.98 3.75
C ASP B 35 -15.25 6.00 2.62
N ARG B 36 -14.44 7.03 2.84
CA ARG B 36 -14.35 8.14 1.89
CA ARG B 36 -14.34 8.14 1.88
C ARG B 36 -12.91 8.50 1.50
N TRP B 37 -11.93 7.90 2.19
CA TRP B 37 -10.54 8.30 1.98
C TRP B 37 -9.62 7.14 1.60
N VAL B 38 -8.78 7.39 0.61
CA VAL B 38 -7.81 6.40 0.12
C VAL B 38 -6.40 7.01 0.19
N LEU B 39 -5.45 6.23 0.66
CA LEU B 39 -4.08 6.66 0.85
C LEU B 39 -3.20 6.04 -0.22
N THR B 40 -2.27 6.82 -0.78
CA THR B 40 -1.36 6.28 -1.78
C THR B 40 -0.03 7.04 -1.74
N ALA B 41 0.88 6.71 -2.65
CA ALA B 41 2.14 7.45 -2.79
C ALA B 41 1.92 8.65 -3.70
N ALA B 42 2.52 9.78 -3.34
CA ALA B 42 2.45 10.96 -4.20
C ALA B 42 2.97 10.68 -5.62
N HIS B 43 4.01 9.86 -5.74
CA HIS B 43 4.59 9.65 -7.08
C HIS B 43 3.66 8.86 -8.01
N CYS B 44 2.63 8.24 -7.44
CA CYS B 44 1.60 7.60 -8.27
C CYS B 44 0.77 8.62 -9.03
N LEU B 45 0.74 9.85 -8.53
CA LEU B 45 -0.09 10.90 -9.11
C LEU B 45 0.71 12.01 -9.75
N LEU B 46 1.88 12.30 -9.18
CA LEU B 46 2.69 13.42 -9.62
C LEU B 46 4.15 13.02 -9.67
N TYR B 47 4.70 12.97 -10.88
CA TYR B 47 6.12 12.68 -11.04
C TYR B 47 6.61 13.31 -12.35
N PRO B 48 6.97 14.61 -12.28
CA PRO B 48 7.34 15.36 -13.48
C PRO B 48 8.46 14.77 -14.33
N PRO B 49 9.46 14.12 -13.73
CA PRO B 49 10.51 13.55 -14.58
C PRO B 49 9.97 12.55 -15.61
N TRP B 50 8.83 11.93 -15.32
CA TRP B 50 8.20 10.99 -16.24
C TRP B 50 6.92 11.55 -16.86
N ASP B 51 6.76 12.87 -16.78
CA ASP B 51 5.59 13.53 -17.37
C ASP B 51 4.29 13.02 -16.76
N LYS B 52 4.33 12.66 -15.48
CA LYS B 52 3.15 12.17 -14.79
C LYS B 52 2.54 13.29 -13.93
N ASN B 53 1.28 13.60 -14.22
CA ASN B 53 0.54 14.57 -13.43
C ASN B 53 -0.92 14.34 -13.61
N PHE B 54 -1.44 13.35 -12.89
CA PHE B 54 -2.83 12.96 -13.07
C PHE B 54 -3.78 13.93 -12.37
N THR B 55 -4.96 14.10 -12.97
CA THR B 55 -6.03 14.85 -12.35
C THR B 55 -7.12 13.88 -11.90
N GLU B 56 -8.05 14.34 -11.08
CA GLU B 56 -9.10 13.47 -10.54
C GLU B 56 -9.84 12.68 -11.62
N ASN B 57 -10.14 13.35 -12.73
CA ASN B 57 -10.97 12.73 -13.76
C ASN B 57 -10.23 11.70 -14.60
N ASP B 58 -8.92 11.59 -14.39
CA ASP B 58 -8.10 10.65 -15.14
C ASP B 58 -8.18 9.23 -14.59
N LEU B 59 -8.61 9.09 -13.33
CA LEU B 59 -8.48 7.81 -12.63
C LEU B 59 -9.76 7.31 -11.99
N LEU B 60 -9.74 6.02 -11.67
CA LEU B 60 -10.75 5.41 -10.83
C LEU B 60 -10.05 4.64 -9.73
N VAL B 61 -10.76 4.39 -8.63
CA VAL B 61 -10.26 3.45 -7.63
C VAL B 61 -11.15 2.21 -7.64
N ARG B 62 -10.53 1.04 -7.57
CA ARG B 62 -11.24 -0.22 -7.57
C ARG B 62 -10.93 -0.91 -6.25
N ILE B 63 -11.98 -1.21 -5.49
CA ILE B 63 -11.82 -1.66 -4.12
C ILE B 63 -12.48 -3.03 -3.98
N GLY B 64 -11.92 -3.88 -3.13
CA GLY B 64 -12.46 -5.23 -2.95
C GLY B 64 -11.95 -6.24 -3.95
N LYS B 65 -10.88 -5.91 -4.68
CA LYS B 65 -10.40 -6.78 -5.74
C LYS B 65 -9.49 -7.91 -5.29
N HIS B 66 -9.44 -8.94 -6.12
CA HIS B 66 -8.51 -10.04 -5.94
C HIS B 66 -7.81 -10.30 -7.28
N SER B 67 -8.60 -10.65 -8.29
CA SER B 67 -8.07 -10.76 -9.64
C SER B 67 -7.53 -9.42 -10.12
N ARG B 68 -6.37 -9.44 -10.79
CA ARG B 68 -5.80 -8.22 -11.34
C ARG B 68 -6.64 -7.66 -12.48
N THR B 69 -6.99 -8.50 -13.45
CA THR B 69 -7.54 -8.01 -14.72
C THR B 69 -9.04 -8.15 -14.89
N ARG B 70 -9.67 -9.03 -14.12
N ARG B 70 -9.66 -9.04 -14.10
CA ARG B 70 -11.09 -9.31 -14.32
CA ARG B 70 -11.09 -9.30 -14.22
C ARG B 70 -11.98 -8.29 -13.60
C ARG B 70 -11.93 -8.18 -13.65
N TYR B 71 -13.13 -7.99 -14.19
CA TYR B 71 -14.13 -7.15 -13.54
C TYR B 71 -14.87 -8.09 -12.57
N GLU B 72 -14.64 -7.90 -11.28
CA GLU B 72 -15.14 -8.85 -10.29
C GLU B 72 -16.53 -8.48 -9.84
N ARG B 73 -17.47 -8.81 -10.74
CA ARG B 73 -18.87 -8.50 -10.59
C ARG B 73 -19.41 -8.96 -9.23
N ASN B 74 -20.14 -8.07 -8.57
CA ASN B 74 -20.77 -8.34 -7.27
C ASN B 74 -19.81 -8.35 -6.07
N ILE B 75 -18.54 -8.05 -6.32
CA ILE B 75 -17.51 -8.08 -5.28
C ILE B 75 -16.76 -6.76 -5.23
N GLU B 76 -16.10 -6.40 -6.31
CA GLU B 76 -15.39 -5.12 -6.31
C GLU B 76 -16.36 -3.96 -6.44
N LYS B 77 -15.93 -2.80 -5.96
CA LYS B 77 -16.66 -1.57 -6.12
C LYS B 77 -15.73 -0.53 -6.72
N ILE B 78 -16.26 0.24 -7.66
CA ILE B 78 -15.49 1.23 -8.39
C ILE B 78 -15.96 2.63 -8.00
N SER B 79 -15.02 3.48 -7.62
CA SER B 79 -15.32 4.81 -7.11
C SER B 79 -14.61 5.89 -7.92
N MET B 80 -15.29 7.02 -8.10
CA MET B 80 -14.68 8.18 -8.73
C MET B 80 -14.04 9.06 -7.66
N LEU B 81 -13.09 9.88 -8.09
CA LEU B 81 -12.37 10.75 -7.17
C LEU B 81 -12.98 12.15 -7.12
N GLU B 82 -13.20 12.64 -5.90
CA GLU B 82 -13.60 14.02 -5.71
C GLU B 82 -12.40 14.97 -5.72
N LYS B 83 -11.34 14.59 -5.02
CA LYS B 83 -10.17 15.46 -4.90
C LYS B 83 -8.93 14.70 -4.51
N ILE B 84 -7.80 15.12 -5.09
CA ILE B 84 -6.47 14.62 -4.75
C ILE B 84 -5.74 15.65 -3.89
N TYR B 85 -5.06 15.18 -2.85
CA TYR B 85 -4.23 16.04 -2.00
C TYR B 85 -2.85 15.43 -1.92
N ILE B 86 -1.86 16.18 -2.37
CA ILE B 86 -0.48 15.72 -2.33
C ILE B 86 0.25 16.48 -1.23
N HIS B 87 1.12 15.81 -0.50
CA HIS B 87 1.87 16.49 0.54
C HIS B 87 2.56 17.72 -0.05
N PRO B 88 2.42 18.89 0.60
CA PRO B 88 3.00 20.12 0.04
C PRO B 88 4.53 20.12 0.01
N ARG B 89 5.16 19.23 0.77
CA ARG B 89 6.63 19.16 0.76
C ARG B 89 7.12 17.85 0.16
N TYR B 90 6.27 17.19 -0.62
CA TYR B 90 6.69 16.03 -1.40
C TYR B 90 7.86 16.40 -2.31
N ASN B 91 8.95 15.66 -2.18
CA ASN B 91 10.17 15.98 -2.92
C ASN B 91 10.33 15.05 -4.11
N TRP B 92 9.69 15.40 -5.22
CA TRP B 92 9.83 14.61 -6.44
C TRP B 92 11.13 14.92 -7.17
N ARG B 93 11.79 16.02 -6.80
CA ARG B 93 13.01 16.42 -7.50
CA ARG B 93 13.02 16.44 -7.49
C ARG B 93 14.20 15.55 -7.15
N GLU B 94 14.26 15.09 -5.89
CA GLU B 94 15.46 14.42 -5.41
C GLU B 94 15.29 12.96 -5.00
N ASN B 95 14.53 12.72 -3.93
CA ASN B 95 14.56 11.42 -3.28
C ASN B 95 13.20 10.90 -2.84
N LEU B 96 12.12 11.51 -3.34
CA LEU B 96 10.75 11.09 -2.98
C LEU B 96 10.48 11.26 -1.47
N ASP B 97 11.16 12.19 -0.81
CA ASP B 97 10.83 12.50 0.57
C ASP B 97 9.36 12.90 0.68
N ARG B 98 8.68 12.39 1.70
CA ARG B 98 7.27 12.69 1.97
C ARG B 98 6.38 12.24 0.80
N ASP B 99 6.59 10.99 0.40
CA ASP B 99 5.90 10.41 -0.75
C ASP B 99 4.51 9.91 -0.34
N ILE B 100 3.57 10.84 -0.23
CA ILE B 100 2.26 10.52 0.31
C ILE B 100 1.21 11.42 -0.31
N ALA B 101 0.05 10.82 -0.57
CA ALA B 101 -1.10 11.54 -1.11
C ALA B 101 -2.38 10.91 -0.60
N LEU B 102 -3.43 11.73 -0.52
CA LEU B 102 -4.76 11.27 -0.16
C LEU B 102 -5.70 11.52 -1.32
N MET B 103 -6.69 10.64 -1.47
CA MET B 103 -7.74 10.81 -2.45
C MET B 103 -9.07 10.71 -1.74
N LYS B 104 -9.93 11.72 -1.90
CA LYS B 104 -11.27 11.69 -1.34
C LYS B 104 -12.22 11.18 -2.40
N LEU B 105 -13.06 10.21 -2.04
CA LEU B 105 -14.00 9.62 -2.98
C LEU B 105 -15.23 10.49 -3.11
N LYS B 106 -15.86 10.44 -4.29
CA LYS B 106 -17.07 11.24 -4.52
C LYS B 106 -18.20 10.78 -3.61
N LYS B 107 -18.27 9.48 -3.34
CA LYS B 107 -19.32 8.91 -2.51
C LYS B 107 -18.70 7.86 -1.61
N PRO B 108 -19.27 7.67 -0.41
CA PRO B 108 -18.72 6.64 0.47
C PRO B 108 -18.87 5.25 -0.13
N VAL B 109 -17.88 4.40 0.09
CA VAL B 109 -17.96 3.01 -0.36
C VAL B 109 -18.57 2.14 0.74
N ALA B 110 -19.40 1.18 0.35
CA ALA B 110 -20.01 0.27 1.31
C ALA B 110 -19.02 -0.81 1.72
N PHE B 111 -18.84 -1.01 3.02
CA PHE B 111 -17.95 -2.07 3.50
C PHE B 111 -18.61 -3.43 3.28
N SER B 112 -17.80 -4.48 3.17
CA SER B 112 -18.30 -5.83 2.93
C SER B 112 -17.25 -6.81 3.44
N ASP B 113 -17.43 -8.09 3.15
CA ASP B 113 -16.41 -9.07 3.50
C ASP B 113 -15.08 -8.78 2.82
N TYR B 114 -15.14 -8.05 1.70
CA TYR B 114 -13.98 -7.84 0.82
C TYR B 114 -13.43 -6.41 0.89
N ILE B 115 -14.15 -5.54 1.60
CA ILE B 115 -13.85 -4.12 1.61
C ILE B 115 -13.93 -3.62 3.05
N HIS B 116 -12.81 -3.18 3.60
CA HIS B 116 -12.75 -2.81 4.99
C HIS B 116 -11.49 -2.00 5.23
N PRO B 117 -11.57 -0.93 6.03
CA PRO B 117 -10.41 -0.03 6.22
C PRO B 117 -9.33 -0.56 7.15
N VAL B 118 -8.10 -0.16 6.86
CA VAL B 118 -6.96 -0.45 7.72
C VAL B 118 -6.81 0.67 8.75
N CYS B 119 -6.19 0.38 9.90
CA CYS B 119 -5.91 1.44 10.87
C CYS B 119 -4.65 2.21 10.52
N LEU B 120 -4.61 3.47 10.91
CA LEU B 120 -3.35 4.22 10.89
C LEU B 120 -2.73 4.20 12.28
N PRO B 121 -1.41 4.09 12.36
CA PRO B 121 -0.76 3.97 13.67
C PRO B 121 -0.80 5.25 14.49
N ASP B 122 -0.85 5.11 15.80
CA ASP B 122 -0.52 6.24 16.66
C ASP B 122 0.93 6.13 17.09
N ARG B 123 1.41 7.10 17.85
CA ARG B 123 2.82 7.17 18.20
C ARG B 123 3.29 5.89 18.90
N GLU B 124 2.45 5.38 19.78
CA GLU B 124 2.80 4.22 20.60
C GLU B 124 2.94 2.94 19.79
N THR B 125 1.98 2.67 18.92
CA THR B 125 2.07 1.46 18.12
CA THR B 125 2.05 1.49 18.07
C THR B 125 3.26 1.58 17.14
N ALA B 126 3.51 2.78 16.61
CA ALA B 126 4.67 2.99 15.74
C ALA B 126 5.97 2.73 16.49
N ALA B 127 6.10 3.28 17.69
CA ALA B 127 7.30 3.08 18.48
C ALA B 127 7.51 1.60 18.77
N SER B 128 6.41 0.91 19.09
CA SER B 128 6.49 -0.51 19.45
C SER B 128 6.87 -1.40 18.27
N LEU B 129 6.34 -1.11 17.10
CA LEU B 129 6.42 -2.04 15.98
C LEU B 129 7.48 -1.74 14.94
N LEU B 130 7.85 -0.48 14.78
CA LEU B 130 8.83 -0.09 13.77
CA LEU B 130 8.82 -0.13 13.74
C LEU B 130 10.24 -0.31 14.26
N GLN B 131 10.64 -1.58 14.35
CA GLN B 131 11.94 -1.96 14.86
C GLN B 131 12.58 -2.94 13.88
N ALA B 132 13.90 -2.84 13.77
CA ALA B 132 14.64 -3.74 12.88
C ALA B 132 14.33 -5.18 13.22
N GLY B 133 14.06 -5.98 12.19
CA GLY B 133 13.76 -7.39 12.36
C GLY B 133 12.27 -7.68 12.41
N TYR B 134 11.48 -6.72 12.86
CA TYR B 134 10.04 -6.91 12.89
C TYR B 134 9.50 -6.93 11.47
N LYS B 135 8.60 -7.87 11.16
CA LYS B 135 8.13 -8.03 9.80
C LYS B 135 6.79 -7.34 9.55
N GLY B 136 6.67 -6.77 8.35
CA GLY B 136 5.40 -6.29 7.85
C GLY B 136 5.03 -7.03 6.59
N ARG B 137 3.90 -6.66 6.02
CA ARG B 137 3.35 -7.35 4.87
C ARG B 137 3.06 -6.32 3.77
N VAL B 138 3.51 -6.65 2.56
CA VAL B 138 3.30 -5.80 1.40
C VAL B 138 2.47 -6.56 0.38
N THR B 139 1.53 -5.85 -0.23
CA THR B 139 0.61 -6.46 -1.17
C THR B 139 0.48 -5.62 -2.43
N GLY B 140 0.24 -6.28 -3.57
CA GLY B 140 0.03 -5.54 -4.79
C GLY B 140 -0.12 -6.41 -6.02
N TRP B 141 -0.48 -5.75 -7.11
CA TRP B 141 -0.67 -6.41 -8.40
C TRP B 141 0.46 -6.05 -9.36
N GLY B 142 1.57 -5.55 -8.83
CA GLY B 142 2.72 -5.17 -9.65
C GLY B 142 3.46 -6.36 -10.23
N ASN B 143 4.53 -6.07 -10.96
CA ASN B 143 5.27 -7.10 -11.66
C ASN B 143 5.87 -8.16 -10.74
N LEU B 144 5.97 -9.38 -11.27
CA LEU B 144 6.51 -10.52 -10.53
C LEU B 144 8.02 -10.57 -10.59
N LYS B 145 8.60 -9.80 -11.52
CA LYS B 145 10.05 -9.77 -11.71
C LYS B 145 10.47 -8.39 -12.19
N GLU B 146 11.72 -8.00 -11.92
CA GLU B 146 12.21 -6.71 -12.36
C GLU B 146 12.17 -6.58 -13.88
N THR B 147 12.58 -7.65 -14.56
CA THR B 147 12.58 -7.67 -16.02
C THR B 147 12.19 -9.06 -16.53
N GLY B 155 5.52 -12.73 -15.65
CA GLY B 155 5.64 -11.28 -15.68
C GLY B 155 4.66 -10.57 -14.76
N GLN B 156 3.38 -10.78 -14.99
CA GLN B 156 2.34 -10.12 -14.21
C GLN B 156 1.37 -11.13 -13.59
N PRO B 157 0.86 -10.84 -12.38
CA PRO B 157 0.09 -11.85 -11.66
C PRO B 157 -1.39 -11.92 -12.04
N SER B 158 -1.98 -13.11 -11.90
CA SER B 158 -3.41 -13.26 -12.10
CA SER B 158 -3.41 -13.29 -12.08
C SER B 158 -4.18 -12.67 -10.92
N VAL B 159 -3.65 -12.81 -9.71
CA VAL B 159 -4.33 -12.30 -8.52
C VAL B 159 -3.37 -11.53 -7.60
N LEU B 160 -3.95 -10.79 -6.66
CA LEU B 160 -3.19 -10.02 -5.67
C LEU B 160 -2.10 -10.85 -5.04
N GLN B 161 -0.90 -10.27 -4.95
CA GLN B 161 0.25 -10.95 -4.35
C GLN B 161 0.58 -10.38 -2.98
N VAL B 162 1.19 -11.21 -2.14
CA VAL B 162 1.54 -10.82 -0.78
CA VAL B 162 1.52 -10.85 -0.77
C VAL B 162 2.94 -11.32 -0.43
N VAL B 163 3.67 -10.50 0.31
CA VAL B 163 4.97 -10.94 0.81
C VAL B 163 5.22 -10.30 2.17
N ASN B 164 5.80 -11.08 3.09
CA ASN B 164 6.16 -10.55 4.39
C ASN B 164 7.65 -10.24 4.41
N LEU B 165 8.04 -9.08 4.93
CA LEU B 165 9.43 -8.62 4.87
C LEU B 165 9.84 -7.95 6.17
N PRO B 166 11.08 -8.18 6.63
CA PRO B 166 11.55 -7.54 7.86
C PRO B 166 12.03 -6.10 7.65
N ILE B 167 11.71 -5.25 8.62
CA ILE B 167 12.26 -3.91 8.68
C ILE B 167 13.76 -4.01 8.89
N VAL B 168 14.51 -3.14 8.21
CA VAL B 168 15.96 -3.17 8.25
C VAL B 168 16.53 -2.00 9.06
N GLU B 169 17.65 -2.24 9.72
CA GLU B 169 18.35 -1.21 10.48
C GLU B 169 18.67 0.00 9.61
N ARG B 170 18.46 1.20 10.14
CA ARG B 170 18.65 2.42 9.34
CA ARG B 170 18.65 2.41 9.34
C ARG B 170 20.05 2.55 8.72
N PRO B 171 21.12 2.21 9.47
CA PRO B 171 22.44 2.32 8.83
C PRO B 171 22.60 1.37 7.63
N VAL B 172 21.98 0.19 7.70
CA VAL B 172 22.03 -0.74 6.59
C VAL B 172 21.25 -0.19 5.39
N CYS B 173 20.09 0.39 5.64
CA CYS B 173 19.34 1.06 4.58
C CYS B 173 20.20 2.12 3.93
N LYS B 174 20.82 2.96 4.76
CA LYS B 174 21.61 4.09 4.24
C LYS B 174 22.78 3.60 3.40
N ASP B 175 23.42 2.52 3.85
CA ASP B 175 24.62 2.00 3.21
C ASP B 175 24.34 1.19 1.93
N SER B 176 23.07 0.97 1.64
CA SER B 176 22.67 0.18 0.48
C SER B 176 22.48 1.02 -0.78
N THR B 177 22.55 2.34 -0.64
CA THR B 177 22.14 3.22 -1.73
C THR B 177 22.93 4.52 -1.69
N ARG B 178 22.99 5.21 -2.82
CA ARG B 178 23.57 6.55 -2.88
C ARG B 178 22.52 7.63 -2.68
N ILE B 179 21.24 7.26 -2.74
CA ILE B 179 20.16 8.20 -2.54
C ILE B 179 20.10 8.64 -1.09
N ARG B 180 19.81 9.91 -0.85
CA ARG B 180 19.71 10.44 0.50
C ARG B 180 18.42 9.95 1.16
N ILE B 181 18.57 9.21 2.24
CA ILE B 181 17.43 8.69 3.01
CA ILE B 181 17.37 8.75 2.95
C ILE B 181 17.02 9.72 4.07
N THR B 182 15.74 9.77 4.41
CA THR B 182 15.30 10.70 5.45
C THR B 182 14.49 9.97 6.50
N ASP B 183 14.19 10.67 7.59
CA ASP B 183 13.39 10.12 8.68
C ASP B 183 11.96 9.81 8.24
N ASN B 184 11.55 10.32 7.07
CA ASN B 184 10.21 10.05 6.54
C ASN B 184 10.14 8.77 5.72
N MET B 185 11.21 7.97 5.78
CA MET B 185 11.31 6.70 5.05
C MET B 185 11.79 5.63 6.00
N PHE B 186 11.42 4.38 5.72
CA PHE B 186 12.13 3.25 6.29
C PHE B 186 12.35 2.22 5.19
N CYS B 187 13.24 1.25 5.41
CA CYS B 187 13.42 0.23 4.39
C CYS B 187 13.18 -1.16 4.96
N ALA B 188 12.88 -2.10 4.08
CA ALA B 188 12.53 -3.46 4.48
C ALA B 188 12.97 -4.42 3.41
N GLY B 189 13.22 -5.65 3.81
CA GLY B 189 13.65 -6.71 2.91
C GLY B 189 14.70 -7.56 3.58
N TYR B 190 14.97 -8.72 2.98
CA TYR B 190 15.98 -9.62 3.49
C TYR B 190 17.37 -9.22 3.01
N LYS B 191 18.37 -9.50 3.85
CA LYS B 191 19.76 -9.29 3.48
C LYS B 191 20.22 -10.49 2.65
N PRO B 192 21.28 -10.28 1.85
CA PRO B 192 21.79 -11.41 1.05
C PRO B 192 22.05 -12.67 1.88
N ASP B 193 22.60 -12.51 3.09
CA ASP B 193 22.96 -13.67 3.91
C ASP B 193 21.75 -14.36 4.57
N GLU B 194 20.57 -13.78 4.43
CA GLU B 194 19.39 -14.32 5.09
C GLU B 194 18.65 -15.36 4.25
N GLY B 195 19.04 -15.49 2.98
CA GLY B 195 18.46 -16.51 2.12
C GLY B 195 17.12 -16.18 1.49
N LYS B 196 16.12 -15.90 2.32
CA LYS B 196 14.79 -15.57 1.84
C LYS B 196 14.85 -14.30 1.04
N ARG B 197 13.84 -14.06 0.21
CA ARG B 197 13.81 -12.83 -0.55
C ARG B 197 12.38 -12.31 -0.74
N GLY B 198 12.22 -11.32 -1.61
CA GLY B 198 10.93 -10.69 -1.80
C GLY B 198 11.06 -9.18 -1.81
N ASP B 199 10.20 -8.53 -2.58
CA ASP B 199 10.24 -7.07 -2.70
C ASP B 199 8.99 -6.62 -3.43
N ALA B 200 8.69 -5.33 -3.30
CA ALA B 200 7.75 -4.69 -4.19
C ALA B 200 8.40 -4.48 -5.56
N CYS B 201 7.59 -4.21 -6.57
CA CYS B 201 8.11 -3.92 -7.89
C CYS B 201 7.18 -2.95 -8.62
N GLU B 202 7.48 -2.66 -9.88
N GLU B 202 7.50 -2.65 -9.88
CA GLU B 202 6.68 -1.72 -10.66
CA GLU B 202 6.67 -1.75 -10.68
C GLU B 202 5.20 -2.11 -10.67
C GLU B 202 5.20 -2.15 -10.56
N GLY B 203 4.34 -1.16 -10.30
CA GLY B 203 2.92 -1.41 -10.18
C GLY B 203 2.45 -1.58 -8.74
N ASP B 204 3.39 -1.87 -7.83
CA ASP B 204 3.06 -1.98 -6.40
C ASP B 204 3.12 -0.65 -5.66
N SER B 205 3.75 0.34 -6.27
CA SER B 205 3.80 1.71 -5.75
C SER B 205 2.49 2.12 -5.13
N GLY B 206 2.55 2.76 -3.97
CA GLY B 206 1.37 3.33 -3.37
C GLY B 206 0.60 2.37 -2.50
N GLY B 207 0.89 1.08 -2.59
CA GLY B 207 0.25 0.07 -1.76
C GLY B 207 0.77 0.07 -0.33
N PRO B 208 0.10 -0.70 0.53
CA PRO B 208 0.41 -0.64 1.96
C PRO B 208 1.45 -1.65 2.43
N PHE B 209 2.22 -1.22 3.42
CA PHE B 209 3.06 -2.08 4.25
C PHE B 209 2.35 -2.11 5.60
N VAL B 210 1.81 -3.27 5.97
CA VAL B 210 0.99 -3.37 7.18
C VAL B 210 1.62 -4.30 8.21
N MET B 211 1.26 -4.08 9.47
CA MET B 211 1.73 -4.92 10.58
C MET B 211 0.52 -5.22 11.45
N LYS B 212 0.47 -6.43 12.02
CA LYS B 212 -0.64 -6.79 12.88
C LYS B 212 -0.20 -6.61 14.33
N SER B 213 -0.78 -5.64 15.02
CA SER B 213 -0.36 -5.37 16.38
C SER B 213 -0.62 -6.59 17.27
N PRO B 214 0.40 -7.04 18.02
CA PRO B 214 0.18 -8.17 18.93
C PRO B 214 -0.50 -7.72 20.23
N PHE B 215 -0.71 -6.41 20.38
CA PHE B 215 -1.33 -5.85 21.57
C PHE B 215 -2.83 -5.84 21.44
N ASN B 216 -3.34 -5.52 20.24
CA ASN B 216 -4.79 -5.45 20.06
C ASN B 216 -5.32 -6.23 18.86
N ASN B 217 -4.43 -6.98 18.21
CA ASN B 217 -4.80 -7.83 17.09
C ASN B 217 -5.44 -7.10 15.91
N ARG B 218 -5.10 -5.83 15.72
CA ARG B 218 -5.55 -5.07 14.57
C ARG B 218 -4.41 -4.79 13.60
N TRP B 219 -4.75 -4.71 12.32
CA TRP B 219 -3.78 -4.32 11.31
C TRP B 219 -3.64 -2.81 11.18
N TYR B 220 -2.38 -2.39 11.15
CA TYR B 220 -1.98 -1.00 11.00
C TYR B 220 -1.13 -0.80 9.75
N GLN B 221 -1.39 0.28 9.01
CA GLN B 221 -0.54 0.60 7.88
C GLN B 221 0.63 1.48 8.33
N MET B 222 1.81 0.88 8.36
CA MET B 222 3.01 1.58 8.81
C MET B 222 3.74 2.26 7.65
N GLY B 223 3.59 1.73 6.44
CA GLY B 223 4.33 2.28 5.30
C GLY B 223 3.51 2.32 4.03
N ILE B 224 4.03 3.05 3.04
CA ILE B 224 3.49 3.07 1.70
C ILE B 224 4.64 2.70 0.77
N VAL B 225 4.42 1.76 -0.15
CA VAL B 225 5.45 1.39 -1.12
C VAL B 225 5.89 2.63 -1.90
N SER B 226 7.17 2.97 -1.79
CA SER B 226 7.66 4.24 -2.35
C SER B 226 8.71 4.05 -3.44
N TRP B 227 9.88 3.48 -3.11
CA TRP B 227 10.93 3.40 -4.11
C TRP B 227 11.91 2.27 -3.83
N GLY B 228 12.66 1.92 -4.87
CA GLY B 228 13.70 0.92 -4.75
C GLY B 228 14.55 0.99 -6.01
N GLU B 229 15.72 0.38 -5.96
CA GLU B 229 16.60 0.33 -7.12
C GLU B 229 16.51 -1.06 -7.71
N GLY B 230 15.76 -1.19 -8.78
CA GLY B 230 15.37 -2.49 -9.30
C GLY B 230 14.34 -3.13 -8.36
N CYS B 231 14.15 -4.44 -8.50
CA CYS B 231 13.24 -5.17 -7.63
C CYS B 231 13.92 -6.45 -7.16
N ASP B 232 13.90 -6.68 -5.85
CA ASP B 232 14.45 -7.89 -5.25
C ASP B 232 15.92 -8.12 -5.59
N ARG B 233 16.70 -7.05 -5.71
CA ARG B 233 18.13 -7.19 -5.95
C ARG B 233 18.86 -7.49 -4.64
N ASP B 234 19.86 -8.37 -4.70
CA ASP B 234 20.70 -8.62 -3.54
C ASP B 234 21.38 -7.34 -3.10
N GLY B 235 21.29 -7.04 -1.81
CA GLY B 235 21.96 -5.90 -1.24
C GLY B 235 21.20 -4.60 -1.38
N LYS B 236 20.03 -4.66 -2.01
CA LYS B 236 19.13 -3.50 -2.10
C LYS B 236 17.92 -3.79 -1.22
N TYR B 237 17.17 -2.74 -0.89
CA TYR B 237 15.98 -2.84 -0.04
C TYR B 237 14.88 -1.98 -0.60
N GLY B 238 13.64 -2.31 -0.27
CA GLY B 238 12.53 -1.46 -0.64
C GLY B 238 12.40 -0.34 0.36
N PHE B 239 12.07 0.85 -0.12
CA PHE B 239 11.84 1.99 0.74
C PHE B 239 10.37 2.36 0.78
N TYR B 240 9.93 2.71 2.00
CA TYR B 240 8.52 2.93 2.31
C TYR B 240 8.34 4.26 2.98
N THR B 241 7.28 4.97 2.62
CA THR B 241 6.92 6.20 3.32
C THR B 241 6.51 5.86 4.75
N HIS B 242 7.07 6.62 5.70
CA HIS B 242 6.81 6.42 7.13
C HIS B 242 5.50 7.09 7.49
N VAL B 243 4.43 6.31 7.53
CA VAL B 243 3.08 6.87 7.66
C VAL B 243 2.91 7.65 8.97
N PHE B 244 3.37 7.09 10.08
CA PHE B 244 3.20 7.81 11.33
C PHE B 244 3.88 9.19 11.30
N ARG B 245 5.08 9.28 10.73
CA ARG B 245 5.79 10.55 10.69
C ARG B 245 5.01 11.62 9.95
N LEU B 246 4.12 11.21 9.04
CA LEU B 246 3.36 12.14 8.22
C LEU B 246 1.88 12.20 8.63
N LYS B 247 1.56 11.62 9.78
CA LYS B 247 0.17 11.51 10.19
C LYS B 247 -0.46 12.86 10.53
N LYS B 248 0.33 13.80 11.02
CA LYS B 248 -0.21 15.14 11.31
C LYS B 248 -0.78 15.77 10.04
N TRP B 249 -0.10 15.56 8.91
CA TRP B 249 -0.59 16.06 7.64
C TRP B 249 -1.87 15.34 7.21
N ILE B 250 -1.88 14.02 7.33
CA ILE B 250 -3.06 13.24 7.00
C ILE B 250 -4.28 13.75 7.77
N GLN B 251 -4.12 13.93 9.08
CA GLN B 251 -5.22 14.37 9.92
CA GLN B 251 -5.21 14.37 9.93
C GLN B 251 -5.65 15.80 9.60
N LYS B 252 -4.69 16.64 9.22
CA LYS B 252 -5.00 18.02 8.85
C LYS B 252 -5.89 18.05 7.61
N VAL B 253 -5.53 17.24 6.62
CA VAL B 253 -6.31 17.17 5.38
C VAL B 253 -7.71 16.63 5.63
N ILE B 254 -7.82 15.54 6.37
CA ILE B 254 -9.12 14.95 6.65
C ILE B 254 -9.97 15.88 7.51
N ASP B 255 -9.37 16.55 8.47
CA ASP B 255 -10.11 17.47 9.34
C ASP B 255 -10.65 18.66 8.54
N GLN B 256 -9.86 19.15 7.59
CA GLN B 256 -10.24 20.35 6.85
C GLN B 256 -11.21 20.06 5.69
N PHE B 257 -11.02 18.92 5.03
CA PHE B 257 -11.76 18.62 3.81
C PHE B 257 -12.72 17.44 3.96
N GLY B 258 -12.77 16.87 5.15
CA GLY B 258 -13.62 15.72 5.41
C GLY B 258 -15.06 16.10 5.68
N ASP C 3 -5.26 -5.62 -21.56
CA ASP C 3 -5.27 -6.91 -20.89
C ASP C 3 -6.35 -6.97 -19.82
N PHE C 4 -7.00 -5.84 -19.58
CA PHE C 4 -8.04 -5.76 -18.55
C PHE C 4 -9.43 -5.97 -19.13
N GLU C 5 -10.28 -6.69 -18.40
CA GLU C 5 -11.66 -6.84 -18.79
C GLU C 5 -12.35 -5.49 -18.71
N GLU C 6 -13.23 -5.21 -19.67
CA GLU C 6 -13.96 -3.96 -19.68
C GLU C 6 -14.77 -3.80 -18.40
N ILE C 7 -14.86 -2.57 -17.91
CA ILE C 7 -15.67 -2.29 -16.73
C ILE C 7 -16.95 -1.59 -17.18
N PRO C 8 -18.02 -1.72 -16.37
CA PRO C 8 -19.30 -1.12 -16.76
C PRO C 8 -19.16 0.34 -17.16
N GLU C 9 -19.90 0.73 -18.20
CA GLU C 9 -19.79 2.08 -18.76
C GLU C 9 -20.18 3.16 -17.75
N GLU C 10 -21.01 2.80 -16.79
CA GLU C 10 -21.46 3.74 -15.76
C GLU C 10 -20.30 4.38 -15.02
N TYS C 11 -19.15 3.70 -14.98
CA TYS C 11 -17.99 4.22 -14.26
CB TYS C 11 -17.21 3.06 -13.63
CG TYS C 11 -17.97 2.17 -12.75
CD1 TYS C 11 -18.51 2.65 -11.60
CD2 TYS C 11 -18.17 0.81 -13.14
CE1 TYS C 11 -19.28 1.78 -10.76
CE2 TYS C 11 -18.90 -0.05 -12.32
CZ TYS C 11 -19.46 0.43 -11.14
OH TYS C 11 -20.20 -0.44 -10.31
S TYS C 11 -19.54 -1.20 -9.21
O1 TYS C 11 -19.04 -0.21 -8.15
O2 TYS C 11 -20.52 -2.05 -8.69
O3 TYS C 11 -18.43 -1.99 -9.74
C TYS C 11 -17.07 5.03 -15.10
O TYS C 11 -16.09 5.62 -14.58
N LEU C 12 -17.34 5.10 -16.41
CA LEU C 12 -16.48 5.84 -17.32
C LEU C 12 -17.13 7.13 -17.80
N GLN C 13 -18.31 7.43 -17.26
CA GLN C 13 -19.04 8.64 -17.62
CA GLN C 13 -19.03 8.65 -17.63
C GLN C 13 -18.63 9.80 -16.72
C1 NAG D . 0.10 19.53 -12.47
C2 NAG D . 1.00 20.76 -12.63
C3 NAG D . 0.43 21.92 -11.92
C4 NAG D . -0.87 22.20 -12.43
C5 NAG D . -1.78 21.03 -12.27
C6 NAG D . -3.07 21.32 -12.90
C7 NAG D . 2.87 20.27 -10.86
C8 NAG D . 1.95 20.27 -9.69
N2 NAG D . 2.39 20.50 -12.25
O3 NAG D . 1.29 23.06 -12.09
O4 NAG D . -1.44 23.37 -11.82
O5 NAG D . -1.21 19.79 -12.89
O6 NAG D . -4.03 20.30 -12.93
O7 NAG D . 4.06 20.07 -10.68
N4 B04 E . 14.22 3.51 -9.09
C3 B04 E . 13.77 4.80 -8.62
C5 B04 E . 12.38 4.63 -8.05
O7 B04 E . 12.17 3.74 -7.24
C2 B04 E . 14.77 5.31 -7.59
C1 B04 E . 14.47 6.73 -7.21
C8 B04 E . 14.56 7.76 -8.14
C12 B04 E . 14.12 7.00 -5.89
C9 B04 E . 14.29 9.07 -7.75
C11 B04 E . 13.84 8.31 -5.52
C10 B04 E . 13.92 9.35 -6.43
N6 B04 E . 11.42 5.44 -8.46
C13 B04 E . 10.07 5.25 -7.93
C14 B04 E . 9.60 3.86 -8.25
C14 B04 E . 9.50 3.90 -8.20
O15 B04 E . 9.79 3.40 -9.37
O15 B04 E . 9.58 3.38 -9.30
C19 B04 E . 9.22 6.28 -8.67
C20 B04 E . 10.20 7.29 -9.23
C21 B04 E . 11.51 6.53 -9.44
N16 B04 E . 9.02 3.14 -7.28
N16 B04 E . 8.91 3.32 -7.16
C17 B04 E . 8.52 1.78 -7.44
C17 B04 E . 8.27 2.02 -7.15
C18 B04 E . 9.22 0.81 -6.53
C18 B04 E . 9.29 0.91 -7.09
C22 B04 E . 8.80 0.67 -5.20
C22 B04 E . 10.63 1.14 -7.36
C23 B04 E . 9.47 -0.23 -4.37
C23 B04 E . 11.51 0.07 -7.30
C24 B04 E . 10.52 -0.97 -4.88
C24 B04 E . 11.03 -1.18 -6.97
C25 B04 E . 10.89 -0.79 -6.21
C25 B04 E . 9.68 -1.35 -6.70
N26 B04 E . 10.25 0.08 -6.99
N26 B04 E . 8.84 -0.30 -6.77
C27 B04 E . 10.67 0.24 -8.39
C27 B04 E . 7.42 -0.49 -6.49
P PO4 F . 13.69 17.97 1.59
O1 PO4 F . 14.83 18.63 0.85
O2 PO4 F . 13.74 18.23 3.06
O3 PO4 F . 13.69 16.47 1.31
O4 PO4 F . 12.36 18.46 1.04
C1 GOL G . 3.53 2.78 -10.64
O1 GOL G . 2.72 1.70 -10.91
C2 GOL G . 5.01 2.56 -10.68
O2 GOL G . 5.46 1.67 -9.74
C3 GOL G . 5.77 3.84 -10.74
O3 GOL G . 5.16 4.89 -11.40
NA NA H . 24.72 5.50 1.25
NA NA I . 17.03 -7.03 -1.84
#